data_2YFT
#
_entry.id   2YFT
#
_cell.length_a   171.204
_cell.length_b   171.204
_cell.length_c   115.003
_cell.angle_alpha   90.00
_cell.angle_beta   90.00
_cell.angle_gamma   90.00
#
_symmetry.space_group_name_H-M   'I 4 2 2'
#
loop_
_entity.id
_entity.type
_entity.pdbx_description
1 polymer LEVANSUCRASE
2 branched beta-D-fructofuranose-(2-1)-beta-D-fructofuranose-(2-1)-alpha-D-glucopyranose
3 non-polymer 'CALCIUM ION'
4 non-polymer 'SULFATE ION'
5 non-polymer 'ACETATE ION'
6 water water
#
_entity_poly.entity_id   1
_entity_poly.type   'polypeptide(L)'
_entity_poly.pdbx_seq_one_letter_code
;MDVKQVEKKDSVDKTNAEENKDSSVKPAENATKAELKGQVKDIVEESGVDTSKLTNDQINELNKINFSKEAKSGTQLTYN
DFKKIAKTLIEQDARYAIPFFNASKIKNMPAAKTLDAQSGKVEDLEIWDSWPVQDAKTGYVSNWNGYQLVIGMMGVPNVN
DNHIYLLYNKYGDNDFNHWKNAGPIFGLGTPVIQQWSGSATLNKDGSIQLYYTKVDTSDNNTNHQKLASATVYLNLEKDQ
DKISIAHVDNDHIVFEGDGYHYQTYDQWKETNKGADNIAMRDAHVIDDDNGNRYLVFEASTGTENYQGDDQIYQWLNYGG
TNKDNLGDFFQILSNSDIKDRAKWSNAAIGIIKLNDDVKNPSVAKVYSPLISAPMVSDEIERPDVVKLGNKYYLFAATRL
NRGSNDDAWMATNKAVGDNVAMIGYVSDNLTHGYVPLNESGVVLTASVPANWRTATYSYYAVPVEGRDDQLLITSYITNR
GEVAGKGMHATWAPSFLLQINPDNTTTVLAKMTNQGDWIWDDSSENPDMMGVLEKDAPNSAALPGEWGKPVDWDLIGGYN
LKPHQHHHHHH
;
_entity_poly.pdbx_strand_id   A
#
# COMPACT_ATOMS: atom_id res chain seq x y z
N LYS A 33 -18.75 30.25 -32.78
CA LYS A 33 -17.70 31.23 -32.39
C LYS A 33 -17.73 31.49 -30.88
N ALA A 34 -17.52 30.41 -30.11
CA ALA A 34 -17.53 30.47 -28.65
C ALA A 34 -16.42 31.36 -28.12
N GLU A 35 -16.67 31.95 -26.94
CA GLU A 35 -15.68 32.78 -26.26
C GLU A 35 -15.37 32.23 -24.87
N LEU A 36 -14.12 32.35 -24.45
CA LEU A 36 -13.72 31.94 -23.10
C LEU A 36 -14.45 32.77 -22.04
N LYS A 37 -15.03 32.08 -21.06
CA LYS A 37 -15.86 32.74 -20.05
C LYS A 37 -15.41 32.41 -18.64
N GLY A 38 -15.24 33.44 -17.82
CA GLY A 38 -14.87 33.28 -16.42
C GLY A 38 -13.37 33.18 -16.20
N GLN A 39 -12.98 32.55 -15.10
CA GLN A 39 -11.57 32.42 -14.72
C GLN A 39 -10.66 31.82 -15.81
N VAL A 40 -11.20 30.93 -16.63
CA VAL A 40 -10.39 30.26 -17.64
C VAL A 40 -9.74 31.25 -18.63
N LYS A 41 -10.40 32.40 -18.86
CA LYS A 41 -9.84 33.48 -19.66
C LYS A 41 -8.49 33.94 -19.09
N ASP A 42 -8.46 34.18 -17.78
CA ASP A 42 -7.23 34.57 -17.07
C ASP A 42 -6.17 33.48 -17.18
N ILE A 43 -6.57 32.22 -17.00
CA ILE A 43 -5.67 31.07 -17.07
C ILE A 43 -4.95 31.00 -18.42
N VAL A 44 -5.72 31.11 -19.50
CA VAL A 44 -5.17 31.03 -20.86
C VAL A 44 -4.15 32.17 -21.10
N GLU A 45 -4.50 33.38 -20.67
CA GLU A 45 -3.60 34.53 -20.82
C GLU A 45 -2.32 34.38 -19.99
N GLU A 46 -2.47 33.91 -18.75
CA GLU A 46 -1.31 33.66 -17.89
C GLU A 46 -0.37 32.62 -18.51
N SER A 47 -0.95 31.64 -19.21
CA SER A 47 -0.18 30.54 -19.77
C SER A 47 0.57 30.91 -21.06
N GLY A 48 0.33 32.11 -21.56
CA GLY A 48 0.98 32.59 -22.79
C GLY A 48 0.38 31.98 -24.03
N VAL A 49 -0.81 31.41 -23.91
CA VAL A 49 -1.50 30.78 -25.03
C VAL A 49 -2.28 31.84 -25.79
N ASP A 50 -2.08 31.85 -27.11
CA ASP A 50 -2.77 32.76 -28.01
C ASP A 50 -4.22 32.33 -28.17
N THR A 51 -5.14 33.12 -27.64
CA THR A 51 -6.57 32.81 -27.63
C THR A 51 -7.16 32.59 -29.03
N SER A 52 -6.64 33.32 -30.02
CA SER A 52 -7.10 33.20 -31.40
C SER A 52 -6.64 31.91 -32.08
N LYS A 53 -5.65 31.24 -31.47
CA LYS A 53 -5.19 29.94 -31.97
C LYS A 53 -6.00 28.77 -31.43
N LEU A 54 -6.97 29.06 -30.56
CA LEU A 54 -7.85 28.02 -30.01
C LEU A 54 -9.02 27.74 -30.92
N THR A 55 -9.35 26.46 -31.08
CA THR A 55 -10.53 26.07 -31.86
C THR A 55 -11.77 26.23 -30.98
N ASN A 56 -12.95 26.23 -31.61
CA ASN A 56 -14.22 26.25 -30.89
C ASN A 56 -14.35 25.08 -29.92
N ASP A 57 -13.90 23.90 -30.36
CA ASP A 57 -13.92 22.69 -29.53
C ASP A 57 -13.09 22.88 -28.27
N GLN A 58 -11.90 23.44 -28.42
CA GLN A 58 -11.01 23.70 -27.28
C GLN A 58 -11.64 24.70 -26.32
N ILE A 59 -12.22 25.77 -26.87
CA ILE A 59 -12.87 26.79 -26.05
C ILE A 59 -14.04 26.20 -25.26
N ASN A 60 -14.86 25.39 -25.94
CA ASN A 60 -15.99 24.72 -25.29
C ASN A 60 -15.54 23.83 -24.12
N GLU A 61 -14.43 23.11 -24.32
CA GLU A 61 -13.86 22.27 -23.27
C GLU A 61 -13.34 23.11 -22.11
N LEU A 62 -12.58 24.14 -22.44
CA LEU A 62 -12.01 25.03 -21.43
C LEU A 62 -13.10 25.69 -20.57
N ASN A 63 -14.21 26.05 -21.22
CA ASN A 63 -15.34 26.64 -20.51
C ASN A 63 -16.04 25.70 -19.51
N LYS A 64 -15.72 24.40 -19.60
CA LYS A 64 -16.29 23.41 -18.69
C LYS A 64 -15.47 23.27 -17.40
N ILE A 65 -14.24 23.78 -17.39
CA ILE A 65 -13.40 23.69 -16.20
C ILE A 65 -14.05 24.38 -15.00
N ASN A 66 -14.01 23.68 -13.87
CA ASN A 66 -14.56 24.16 -12.62
C ASN A 66 -13.39 24.56 -11.72
N PHE A 67 -13.33 25.84 -11.37
CA PHE A 67 -12.19 26.39 -10.62
C PHE A 67 -12.44 26.47 -9.11
N SER A 68 -13.44 25.74 -8.65
CA SER A 68 -13.73 25.65 -7.22
C SER A 68 -12.48 25.26 -6.43
N LYS A 69 -12.33 25.89 -5.26
CA LYS A 69 -11.16 25.67 -4.41
C LYS A 69 -11.44 24.70 -3.26
N GLU A 70 -12.70 24.31 -3.12
CA GLU A 70 -13.14 23.49 -1.99
C GLU A 70 -12.71 22.04 -2.15
N ALA A 71 -11.82 21.59 -1.27
CA ALA A 71 -11.37 20.20 -1.23
C ALA A 71 -12.50 19.31 -0.68
N LYS A 72 -12.93 18.35 -1.47
CA LYS A 72 -14.08 17.50 -1.15
C LYS A 72 -13.71 16.19 -0.45
N SER A 73 -12.48 15.72 -0.60
CA SER A 73 -12.12 14.38 -0.15
C SER A 73 -10.68 14.27 0.36
N GLY A 74 -10.33 15.17 1.28
CA GLY A 74 -9.03 15.13 1.97
C GLY A 74 -7.88 15.67 1.14
N THR A 75 -6.67 15.28 1.52
CA THR A 75 -5.46 15.69 0.84
C THR A 75 -5.34 14.87 -0.42
N GLN A 76 -5.07 15.53 -1.55
CA GLN A 76 -5.07 14.80 -2.81
C GLN A 76 -3.68 14.51 -3.35
N LEU A 77 -3.54 13.32 -3.92
CA LEU A 77 -2.46 12.99 -4.81
C LEU A 77 -2.92 13.54 -6.15
N THR A 78 -2.37 14.69 -6.54
CA THR A 78 -2.78 15.38 -7.75
C THR A 78 -2.07 14.87 -9.00
N TYR A 79 -2.55 15.31 -10.17
CA TYR A 79 -1.94 14.93 -11.43
C TYR A 79 -0.47 15.36 -11.45
N ASN A 80 -0.20 16.55 -10.94
CA ASN A 80 1.18 17.05 -10.84
C ASN A 80 2.03 16.24 -9.86
N ASP A 81 1.48 15.94 -8.68
CA ASP A 81 2.19 15.09 -7.70
C ASP A 81 2.60 13.75 -8.34
N PHE A 82 1.67 13.14 -9.08
CA PHE A 82 1.92 11.87 -9.75
C PHE A 82 3.10 12.00 -10.73
N LYS A 83 3.07 13.06 -11.54
CA LYS A 83 4.14 13.33 -12.50
C LYS A 83 5.49 13.48 -11.80
N LYS A 84 5.49 14.19 -10.67
CA LYS A 84 6.71 14.40 -9.88
C LYS A 84 7.23 13.11 -9.27
N ILE A 85 6.32 12.28 -8.77
CA ILE A 85 6.70 11.01 -8.18
C ILE A 85 7.39 10.13 -9.25
N ALA A 86 6.80 10.07 -10.43
CA ALA A 86 7.35 9.30 -11.54
C ALA A 86 8.72 9.84 -11.94
N LYS A 87 8.83 11.16 -12.02
CA LYS A 87 10.09 11.80 -12.38
C LYS A 87 11.18 11.49 -11.35
N THR A 88 10.81 11.57 -10.07
CA THR A 88 11.73 11.26 -8.98
C THR A 88 12.17 9.79 -9.05
N LEU A 89 11.24 8.90 -9.33
CA LEU A 89 11.58 7.49 -9.53
C LEU A 89 12.65 7.33 -10.62
N ILE A 90 12.44 7.98 -11.76
CA ILE A 90 13.37 7.87 -12.89
C ILE A 90 14.75 8.41 -12.51
N GLU A 91 14.79 9.39 -11.63
CA GLU A 91 16.06 9.98 -11.20
C GLU A 91 16.92 9.04 -10.34
N GLN A 92 16.29 8.04 -9.74
CA GLN A 92 16.98 7.04 -8.91
C GLN A 92 17.88 7.72 -7.88
N ASP A 93 17.25 8.62 -7.13
CA ASP A 93 17.89 9.51 -6.17
C ASP A 93 18.09 8.71 -4.89
N ALA A 94 19.31 8.75 -4.32
CA ALA A 94 19.61 7.93 -3.15
C ALA A 94 18.70 8.23 -1.94
N ARG A 95 18.11 9.42 -1.92
CA ARG A 95 17.21 9.79 -0.83
C ARG A 95 15.96 8.90 -0.77
N TYR A 96 15.49 8.44 -1.94
CA TYR A 96 14.20 7.76 -2.06
C TYR A 96 14.27 6.36 -2.66
N ALA A 97 15.33 6.06 -3.42
CA ALA A 97 15.38 4.78 -4.12
C ALA A 97 15.46 3.62 -3.13
N ILE A 98 14.69 2.57 -3.38
CA ILE A 98 14.79 1.37 -2.56
C ILE A 98 16.24 0.87 -2.65
N PRO A 99 16.87 0.57 -1.50
CA PRO A 99 18.25 0.11 -1.51
C PRO A 99 18.39 -1.15 -2.35
N PHE A 100 19.56 -1.31 -2.98
CA PHE A 100 19.85 -2.56 -3.67
C PHE A 100 20.08 -3.66 -2.68
N PHE A 101 19.55 -4.84 -3.00
CA PHE A 101 19.72 -6.02 -2.14
C PHE A 101 20.69 -6.99 -2.80
N ASN A 102 21.48 -7.66 -1.97
CA ASN A 102 22.35 -8.74 -2.43
C ASN A 102 21.51 -9.93 -2.88
N ALA A 103 21.34 -10.07 -4.19
CA ALA A 103 20.46 -11.10 -4.76
C ALA A 103 20.83 -12.53 -4.32
N SER A 104 22.14 -12.79 -4.24
CA SER A 104 22.64 -14.13 -3.91
C SER A 104 22.22 -14.59 -2.50
N LYS A 105 21.85 -13.64 -1.65
CA LYS A 105 21.47 -13.93 -0.26
C LYS A 105 19.98 -14.19 -0.07
N ILE A 106 19.18 -13.89 -1.08
CA ILE A 106 17.74 -14.01 -0.92
C ILE A 106 17.31 -15.46 -1.01
N LYS A 107 16.55 -15.91 -0.02
CA LYS A 107 16.00 -17.27 -0.04
C LYS A 107 14.50 -17.29 0.17
N ASN A 108 13.85 -18.31 -0.39
CA ASN A 108 12.46 -18.59 -0.07
C ASN A 108 12.33 -18.87 1.44
N MET A 109 11.20 -18.49 2.01
CA MET A 109 11.00 -18.63 3.45
C MET A 109 10.85 -20.10 3.84
N PRO A 110 11.74 -20.61 4.72
CA PRO A 110 11.59 -22.01 5.13
C PRO A 110 10.19 -22.35 5.68
N ALA A 111 9.61 -21.43 6.47
CA ALA A 111 8.25 -21.61 7.03
C ALA A 111 7.13 -21.58 5.99
N ALA A 112 7.47 -21.29 4.73
CA ALA A 112 6.50 -21.29 3.66
C ALA A 112 6.31 -22.70 3.05
N LYS A 113 7.15 -23.65 3.45
CA LYS A 113 6.90 -25.05 3.12
C LYS A 113 5.96 -25.55 4.20
N THR A 114 4.68 -25.62 3.87
CA THR A 114 3.67 -25.70 4.90
C THR A 114 2.33 -26.18 4.31
N LEU A 115 1.40 -26.59 5.18
CA LEU A 115 0.07 -26.99 4.73
C LEU A 115 -0.60 -25.81 4.02
N ASP A 116 -1.12 -26.07 2.84
CA ASP A 116 -1.83 -25.05 2.05
C ASP A 116 -3.32 -25.07 2.38
N ALA A 117 -3.89 -23.89 2.64
CA ALA A 117 -5.30 -23.76 3.00
C ALA A 117 -6.24 -24.35 1.95
N GLN A 118 -5.84 -24.30 0.68
CA GLN A 118 -6.76 -24.80 -0.38
C GLN A 118 -6.56 -26.25 -0.81
N SER A 119 -5.53 -26.91 -0.30
CA SER A 119 -5.30 -28.32 -0.64
C SER A 119 -5.28 -29.22 0.58
N GLY A 120 -4.93 -28.65 1.72
CA GLY A 120 -4.71 -29.42 2.95
C GLY A 120 -3.40 -30.21 2.96
N LYS A 121 -2.58 -30.01 1.94
CA LYS A 121 -1.31 -30.72 1.79
C LYS A 121 -0.13 -29.77 1.94
N VAL A 122 1.01 -30.31 2.37
CA VAL A 122 2.22 -29.49 2.51
C VAL A 122 2.77 -29.18 1.13
N GLU A 123 2.94 -27.89 0.86
CA GLU A 123 3.36 -27.43 -0.46
C GLU A 123 4.32 -26.28 -0.24
N ASP A 124 5.04 -25.89 -1.29
CA ASP A 124 5.94 -24.74 -1.14
CA ASP A 124 5.96 -24.76 -1.18
C ASP A 124 5.20 -23.47 -1.52
N LEU A 125 4.68 -22.78 -0.52
CA LEU A 125 3.91 -21.55 -0.75
C LEU A 125 4.86 -20.40 -0.94
N GLU A 126 4.36 -19.31 -1.51
CA GLU A 126 5.07 -18.03 -1.39
C GLU A 126 4.32 -17.15 -0.42
N ILE A 127 4.98 -16.09 0.05
CA ILE A 127 4.40 -15.23 1.08
C ILE A 127 4.59 -13.79 0.63
N TRP A 128 3.52 -13.01 0.73
CA TRP A 128 3.59 -11.62 0.34
C TRP A 128 3.15 -10.71 1.49
N ASP A 129 2.12 -9.89 1.27
CA ASP A 129 1.70 -8.89 2.27
C ASP A 129 1.61 -9.48 3.68
N SER A 130 2.41 -8.94 4.60
CA SER A 130 2.46 -9.43 5.97
C SER A 130 2.47 -8.25 6.94
N TRP A 131 2.09 -8.51 8.19
CA TRP A 131 2.04 -7.48 9.23
C TRP A 131 2.28 -8.13 10.58
N PRO A 132 3.01 -7.43 11.47
CA PRO A 132 3.24 -7.93 12.81
C PRO A 132 2.03 -7.65 13.68
N VAL A 133 1.82 -8.47 14.71
CA VAL A 133 0.94 -8.10 15.79
C VAL A 133 1.68 -6.98 16.52
N GLN A 134 1.02 -5.82 16.63
CA GLN A 134 1.70 -4.65 17.17
C GLN A 134 0.82 -3.89 18.14
N ASP A 135 1.46 -3.15 19.05
CA ASP A 135 0.73 -2.31 19.99
CA ASP A 135 0.74 -2.32 20.00
C ASP A 135 -0.03 -1.25 19.22
N ALA A 136 -1.29 -1.03 19.58
CA ALA A 136 -2.17 -0.16 18.78
C ALA A 136 -1.81 1.32 18.79
N LYS A 137 -1.28 1.81 19.90
CA LYS A 137 -0.93 3.22 20.00
C LYS A 137 0.42 3.54 19.38
N THR A 138 1.41 2.70 19.68
CA THR A 138 2.81 2.97 19.31
C THR A 138 3.27 2.25 18.04
N GLY A 139 2.54 1.21 17.64
CA GLY A 139 2.95 0.36 16.52
C GLY A 139 4.12 -0.58 16.82
N TYR A 140 4.62 -0.59 18.05
CA TYR A 140 5.74 -1.47 18.38
C TYR A 140 5.36 -2.92 18.22
N VAL A 141 6.27 -3.74 17.68
CA VAL A 141 5.98 -5.18 17.55
C VAL A 141 5.76 -5.78 18.93
N SER A 142 4.63 -6.47 19.11
CA SER A 142 4.23 -6.96 20.44
C SER A 142 5.03 -8.17 20.86
N ASN A 143 5.31 -8.27 22.15
CA ASN A 143 5.97 -9.43 22.72
C ASN A 143 4.91 -10.29 23.40
N TRP A 144 4.61 -11.44 22.78
CA TRP A 144 3.59 -12.36 23.28
C TRP A 144 4.28 -13.58 23.87
N ASN A 145 4.39 -13.65 25.19
CA ASN A 145 5.02 -14.80 25.85
C ASN A 145 6.43 -15.09 25.33
N GLY A 146 7.16 -14.02 24.98
CA GLY A 146 8.53 -14.18 24.48
C GLY A 146 8.63 -14.37 22.98
N TYR A 147 7.50 -14.27 22.29
CA TYR A 147 7.44 -14.42 20.83
C TYR A 147 7.02 -13.16 20.13
N GLN A 148 7.47 -13.03 18.88
CA GLN A 148 6.91 -12.08 17.94
C GLN A 148 5.97 -12.83 17.00
N LEU A 149 4.87 -12.18 16.63
CA LEU A 149 3.83 -12.81 15.80
C LEU A 149 3.58 -11.98 14.57
N VAL A 150 3.49 -12.65 13.43
CA VAL A 150 3.25 -11.98 12.16
C VAL A 150 2.18 -12.76 11.42
N ILE A 151 1.27 -12.03 10.79
CA ILE A 151 0.24 -12.68 9.98
C ILE A 151 0.46 -12.23 8.54
N GLY A 152 0.32 -13.13 7.59
CA GLY A 152 0.64 -12.80 6.21
C GLY A 152 -0.19 -13.59 5.23
N MET A 153 -0.29 -13.05 4.03
CA MET A 153 -0.92 -13.74 2.91
C MET A 153 0.06 -14.72 2.33
N MET A 154 -0.37 -15.97 2.13
CA MET A 154 0.47 -17.00 1.53
C MET A 154 -0.39 -17.85 0.61
N GLY A 155 0.27 -18.49 -0.36
CA GLY A 155 -0.42 -19.40 -1.26
C GLY A 155 0.51 -19.94 -2.33
N VAL A 156 0.00 -20.89 -3.09
CA VAL A 156 0.82 -21.53 -4.12
C VAL A 156 0.95 -20.58 -5.31
N PRO A 157 2.19 -20.35 -5.79
CA PRO A 157 2.35 -19.49 -6.96
C PRO A 157 1.47 -19.92 -8.15
N ASN A 158 0.83 -18.93 -8.77
CA ASN A 158 -0.05 -19.13 -9.92
C ASN A 158 -1.34 -19.88 -9.66
N VAL A 159 -1.70 -20.02 -8.39
CA VAL A 159 -3.03 -20.53 -8.02
C VAL A 159 -3.74 -19.36 -7.36
N ASN A 160 -5.03 -19.19 -7.65
CA ASN A 160 -5.82 -18.22 -6.92
C ASN A 160 -6.02 -18.83 -5.53
N ASP A 161 -5.16 -18.42 -4.60
CA ASP A 161 -5.01 -19.10 -3.31
C ASP A 161 -4.63 -18.03 -2.31
N ASN A 162 -5.62 -17.24 -1.90
CA ASN A 162 -5.36 -16.03 -1.10
C ASN A 162 -5.91 -16.18 0.30
N HIS A 163 -5.04 -16.58 1.23
CA HIS A 163 -5.45 -16.83 2.61
C HIS A 163 -4.36 -16.38 3.56
N ILE A 164 -4.72 -16.20 4.82
CA ILE A 164 -3.78 -15.65 5.79
C ILE A 164 -3.36 -16.69 6.80
N TYR A 165 -2.11 -16.58 7.24
CA TYR A 165 -1.45 -17.58 8.08
C TYR A 165 -0.71 -16.87 9.20
N LEU A 166 -0.54 -17.56 10.32
CA LEU A 166 0.20 -17.03 11.45
C LEU A 166 1.61 -17.58 11.48
N LEU A 167 2.58 -16.66 11.55
CA LEU A 167 3.98 -17.03 11.63
C LEU A 167 4.54 -16.49 12.93
N TYR A 168 5.52 -17.18 13.50
CA TYR A 168 6.05 -16.77 14.80
C TYR A 168 7.51 -17.11 14.98
N ASN A 169 8.18 -16.36 15.85
CA ASN A 169 9.60 -16.53 16.11
C ASN A 169 9.81 -16.01 17.53
N LYS A 170 10.90 -16.42 18.17
CA LYS A 170 11.24 -15.82 19.44
C LYS A 170 11.42 -14.32 19.25
N TYR A 171 10.98 -13.52 20.23
CA TYR A 171 11.06 -12.07 20.11
C TYR A 171 12.51 -11.61 20.02
N GLY A 172 12.83 -10.83 18.99
CA GLY A 172 14.19 -10.32 18.80
C GLY A 172 15.14 -11.25 18.07
N ASP A 173 14.68 -12.47 17.79
CA ASP A 173 15.46 -13.45 17.05
C ASP A 173 15.53 -12.99 15.60
N ASN A 174 16.74 -12.77 15.09
CA ASN A 174 16.91 -12.23 13.73
C ASN A 174 17.06 -13.29 12.64
N ASP A 175 17.03 -14.56 13.03
CA ASP A 175 17.32 -15.65 12.09
C ASP A 175 16.07 -15.99 11.30
N PHE A 176 16.13 -15.75 9.98
CA PHE A 176 14.99 -16.00 9.07
C PHE A 176 14.59 -17.47 9.09
N ASN A 177 15.57 -18.35 9.30
CA ASN A 177 15.33 -19.79 9.37
C ASN A 177 14.51 -20.22 10.59
N HIS A 178 14.44 -19.38 11.62
CA HIS A 178 13.79 -19.79 12.86
C HIS A 178 12.29 -19.59 12.89
N TRP A 179 11.76 -18.80 11.94
CA TRP A 179 10.31 -18.60 11.85
C TRP A 179 9.60 -19.93 11.62
N LYS A 180 8.46 -20.09 12.28
CA LYS A 180 7.62 -21.27 12.07
C LYS A 180 6.22 -20.81 11.69
N ASN A 181 5.46 -21.71 11.08
CA ASN A 181 4.13 -21.41 10.61
C ASN A 181 3.11 -22.13 11.49
N ALA A 182 2.19 -21.39 12.08
CA ALA A 182 1.13 -21.98 12.89
C ALA A 182 -0.08 -22.37 12.02
N GLY A 183 0.00 -22.07 10.72
CA GLY A 183 -1.04 -22.49 9.79
C GLY A 183 -2.05 -21.38 9.44
N PRO A 184 -3.01 -21.69 8.55
CA PRO A 184 -3.99 -20.70 8.11
C PRO A 184 -4.97 -20.35 9.22
N ILE A 185 -5.16 -19.06 9.44
CA ILE A 185 -5.99 -18.56 10.54
C ILE A 185 -7.37 -19.21 10.51
N PHE A 186 -7.95 -19.28 9.32
CA PHE A 186 -9.32 -19.77 9.14
C PHE A 186 -9.41 -21.22 8.69
N GLY A 187 -8.28 -21.93 8.72
CA GLY A 187 -8.27 -23.35 8.34
C GLY A 187 -8.41 -23.53 6.84
N LEU A 188 -8.87 -24.70 6.43
CA LEU A 188 -8.97 -25.01 5.01
C LEU A 188 -10.10 -24.24 4.35
N GLY A 189 -9.91 -23.90 3.08
CA GLY A 189 -10.93 -23.15 2.37
C GLY A 189 -10.83 -23.26 0.86
N THR A 190 -11.42 -22.27 0.19
CA THR A 190 -11.55 -22.24 -1.27
C THR A 190 -11.45 -20.79 -1.72
N PRO A 191 -11.37 -20.54 -3.04
CA PRO A 191 -11.34 -19.15 -3.51
C PRO A 191 -12.65 -18.38 -3.31
N VAL A 192 -13.71 -19.05 -2.88
CA VAL A 192 -14.99 -18.36 -2.69
C VAL A 192 -14.92 -17.32 -1.57
N ILE A 193 -14.24 -17.68 -0.48
CA ILE A 193 -13.98 -16.72 0.59
C ILE A 193 -12.48 -16.62 0.81
N GLN A 194 -11.94 -15.43 0.58
CA GLN A 194 -10.50 -15.20 0.67
C GLN A 194 -10.23 -14.23 1.80
N GLN A 195 -8.98 -14.26 2.28
CA GLN A 195 -8.55 -13.28 3.24
C GLN A 195 -7.41 -12.48 2.67
N TRP A 196 -7.61 -11.17 2.60
CA TRP A 196 -6.52 -10.28 2.19
C TRP A 196 -6.08 -9.43 3.38
N SER A 197 -5.20 -8.47 3.11
CA SER A 197 -4.40 -7.82 4.16
CA SER A 197 -4.40 -7.79 4.14
C SER A 197 -5.16 -7.00 5.20
N GLY A 198 -4.52 -6.84 6.37
CA GLY A 198 -5.05 -6.05 7.44
C GLY A 198 -3.95 -5.73 8.43
N SER A 199 -4.28 -5.95 9.69
CA SER A 199 -3.40 -5.57 10.80
C SER A 199 -3.83 -6.37 12.02
N ALA A 200 -3.05 -6.32 13.10
CA ALA A 200 -3.40 -7.10 14.27
C ALA A 200 -2.79 -6.47 15.52
N THR A 201 -3.49 -6.62 16.64
CA THR A 201 -3.02 -6.09 17.91
C THR A 201 -3.47 -7.02 19.03
N LEU A 202 -2.83 -6.96 20.19
CA LEU A 202 -3.23 -7.85 21.28
C LEU A 202 -4.38 -7.28 22.12
N ASN A 203 -5.24 -8.20 22.57
CA ASN A 203 -6.25 -7.90 23.59
C ASN A 203 -5.63 -8.11 24.96
N LYS A 204 -6.28 -7.57 25.99
CA LYS A 204 -5.76 -7.66 27.35
C LYS A 204 -5.57 -9.12 27.81
N ASP A 205 -6.48 -10.00 27.38
CA ASP A 205 -6.42 -11.40 27.77
C ASP A 205 -5.42 -12.26 26.97
N GLY A 206 -4.69 -11.63 26.05
CA GLY A 206 -3.64 -12.33 25.32
C GLY A 206 -4.07 -12.93 23.99
N SER A 207 -5.34 -12.72 23.63
CA SER A 207 -5.81 -13.08 22.30
C SER A 207 -5.39 -11.98 21.31
N ILE A 208 -5.41 -12.30 20.02
CA ILE A 208 -5.08 -11.33 18.98
C ILE A 208 -6.38 -10.78 18.44
N GLN A 209 -6.49 -9.46 18.35
CA GLN A 209 -7.59 -8.90 17.58
C GLN A 209 -7.07 -8.65 16.18
N LEU A 210 -7.62 -9.40 15.25
CA LEU A 210 -7.20 -9.37 13.86
C LEU A 210 -8.17 -8.54 13.04
N TYR A 211 -7.62 -7.63 12.24
CA TYR A 211 -8.41 -6.88 11.26
C TYR A 211 -7.93 -7.34 9.90
N TYR A 212 -8.85 -7.79 9.05
CA TYR A 212 -8.41 -8.34 7.77
C TYR A 212 -9.48 -8.06 6.72
N THR A 213 -9.18 -8.41 5.47
CA THR A 213 -10.13 -8.18 4.40
C THR A 213 -10.78 -9.48 4.06
N LYS A 214 -12.11 -9.54 4.21
CA LYS A 214 -12.81 -10.74 3.78
C LYS A 214 -13.29 -10.50 2.36
N VAL A 215 -12.98 -11.44 1.47
CA VAL A 215 -13.29 -11.24 0.07
C VAL A 215 -14.21 -12.38 -0.37
N ASP A 216 -15.38 -12.01 -0.89
CA ASP A 216 -16.34 -12.98 -1.40
C ASP A 216 -16.36 -12.88 -2.92
N THR A 217 -16.05 -13.98 -3.60
CA THR A 217 -15.92 -14.02 -5.06
C THR A 217 -17.09 -14.73 -5.74
N SER A 218 -18.19 -14.90 -5.01
CA SER A 218 -19.32 -15.68 -5.51
C SER A 218 -20.18 -14.98 -6.58
N ASP A 219 -20.10 -13.65 -6.66
CA ASP A 219 -20.85 -12.88 -7.66
C ASP A 219 -20.00 -12.69 -8.92
N ASN A 220 -20.14 -13.59 -9.90
CA ASN A 220 -19.36 -13.51 -11.16
C ASN A 220 -17.86 -13.29 -10.96
N ASN A 221 -17.30 -13.96 -9.97
CA ASN A 221 -15.86 -13.89 -9.69
C ASN A 221 -15.30 -12.51 -9.33
N THR A 222 -16.15 -11.61 -8.88
CA THR A 222 -15.64 -10.29 -8.47
C THR A 222 -14.97 -10.37 -7.11
N ASN A 223 -14.02 -9.48 -6.86
CA ASN A 223 -13.38 -9.40 -5.55
C ASN A 223 -14.16 -8.46 -4.62
N HIS A 224 -15.28 -8.96 -4.12
CA HIS A 224 -16.14 -8.17 -3.24
C HIS A 224 -15.49 -8.15 -1.85
N GLN A 225 -14.86 -7.02 -1.55
CA GLN A 225 -14.03 -6.88 -0.35
C GLN A 225 -14.78 -6.19 0.77
N LYS A 226 -14.55 -6.64 2.00
CA LYS A 226 -15.16 -6.06 3.19
C LYS A 226 -14.11 -6.04 4.28
N LEU A 227 -14.17 -5.01 5.12
CA LEU A 227 -13.32 -4.96 6.31
C LEU A 227 -13.93 -5.84 7.38
N ALA A 228 -13.15 -6.80 7.88
CA ALA A 228 -13.65 -7.77 8.85
C ALA A 228 -12.75 -7.80 10.09
N SER A 229 -13.24 -8.39 11.17
CA SER A 229 -12.41 -8.59 12.35
C SER A 229 -12.72 -9.96 12.98
N ALA A 230 -11.72 -10.53 13.64
CA ALA A 230 -11.90 -11.75 14.40
C ALA A 230 -10.90 -11.79 15.54
N THR A 231 -11.23 -12.59 16.56
CA THR A 231 -10.38 -12.72 17.73
C THR A 231 -9.70 -14.09 17.65
N VAL A 232 -8.37 -14.09 17.72
CA VAL A 232 -7.59 -15.32 17.56
C VAL A 232 -6.91 -15.69 18.87
N TYR A 233 -7.24 -16.87 19.38
CA TYR A 233 -6.67 -17.40 20.62
C TYR A 233 -5.64 -18.45 20.28
N LEU A 234 -4.50 -18.39 20.95
CA LEU A 234 -3.37 -19.26 20.64
C LEU A 234 -3.09 -20.27 21.75
N ASN A 235 -2.57 -21.44 21.38
CA ASN A 235 -2.04 -22.40 22.34
C ASN A 235 -0.52 -22.41 22.23
N LEU A 236 0.15 -22.26 23.36
CA LEU A 236 1.60 -22.35 23.39
C LEU A 236 2.05 -23.64 24.06
N GLU A 237 2.89 -24.40 23.36
CA GLU A 237 3.57 -25.56 23.93
C GLU A 237 5.01 -25.15 24.15
N LYS A 238 5.30 -24.75 25.39
CA LYS A 238 6.57 -24.12 25.75
C LYS A 238 7.80 -24.97 25.42
N ASP A 239 7.71 -26.28 25.71
CA ASP A 239 8.83 -27.19 25.55
CA ASP A 239 8.83 -27.19 25.55
C ASP A 239 9.18 -27.47 24.09
N GLN A 240 8.21 -27.31 23.20
CA GLN A 240 8.43 -27.52 21.77
C GLN A 240 8.62 -26.18 21.05
N ASP A 241 8.58 -25.09 21.82
CA ASP A 241 8.58 -23.73 21.26
C ASP A 241 7.59 -23.66 20.10
N LYS A 242 6.38 -24.15 20.34
CA LYS A 242 5.39 -24.33 19.29
C LYS A 242 4.09 -23.60 19.64
N ILE A 243 3.61 -22.82 18.68
CA ILE A 243 2.35 -22.09 18.81
C ILE A 243 1.37 -22.67 17.81
N SER A 244 0.14 -22.89 18.26
CA SER A 244 -0.93 -23.29 17.35
C SER A 244 -2.14 -22.38 17.55
N ILE A 245 -3.03 -22.39 16.56
CA ILE A 245 -4.26 -21.61 16.61
C ILE A 245 -5.28 -22.45 17.38
N ALA A 246 -5.74 -21.92 18.52
CA ALA A 246 -6.67 -22.65 19.37
C ALA A 246 -8.13 -22.35 19.03
N HIS A 247 -8.48 -21.06 19.01
CA HIS A 247 -9.86 -20.61 18.75
C HIS A 247 -9.84 -19.39 17.84
N VAL A 248 -10.80 -19.31 16.93
CA VAL A 248 -11.07 -18.07 16.19
C VAL A 248 -12.53 -17.69 16.42
N ASP A 249 -12.73 -16.57 17.09
CA ASP A 249 -14.05 -16.15 17.60
C ASP A 249 -14.46 -14.81 16.99
N ASN A 250 -15.75 -14.51 17.05
CA ASN A 250 -16.27 -13.18 16.71
C ASN A 250 -15.96 -12.73 15.28
N ASP A 251 -15.83 -13.66 14.35
CA ASP A 251 -15.53 -13.27 12.98
C ASP A 251 -16.77 -12.60 12.38
N HIS A 252 -16.62 -11.37 11.90
CA HIS A 252 -17.75 -10.62 11.36
C HIS A 252 -17.28 -9.44 10.54
N ILE A 253 -18.20 -8.91 9.74
CA ILE A 253 -17.94 -7.73 8.92
C ILE A 253 -18.08 -6.45 9.72
N VAL A 254 -17.04 -5.61 9.66
CA VAL A 254 -17.03 -4.32 10.33
C VAL A 254 -17.54 -3.19 9.43
N PHE A 255 -17.06 -3.15 8.18
CA PHE A 255 -17.35 -2.01 7.30
C PHE A 255 -17.30 -2.42 5.83
N GLU A 256 -18.27 -1.94 5.07
CA GLU A 256 -18.39 -2.25 3.64
C GLU A 256 -18.44 -0.99 2.78
N GLY A 257 -18.26 0.18 3.39
CA GLY A 257 -18.47 1.43 2.67
C GLY A 257 -19.83 2.01 2.99
N ASP A 258 -19.93 3.32 2.93
CA ASP A 258 -21.15 4.04 3.31
C ASP A 258 -21.86 4.63 2.11
N GLY A 259 -21.14 4.78 1.00
CA GLY A 259 -21.73 5.31 -0.22
C GLY A 259 -21.46 6.79 -0.45
N TYR A 260 -21.32 7.55 0.64
CA TYR A 260 -20.99 8.96 0.56
C TYR A 260 -19.47 9.16 0.61
N HIS A 261 -18.86 8.84 1.76
CA HIS A 261 -17.41 8.96 1.88
C HIS A 261 -16.67 7.89 1.06
N TYR A 262 -17.18 6.66 1.08
CA TYR A 262 -16.53 5.51 0.42
C TYR A 262 -17.48 4.71 -0.45
N GLN A 263 -17.00 4.34 -1.64
CA GLN A 263 -17.78 3.57 -2.59
C GLN A 263 -18.18 2.20 -2.03
N THR A 264 -19.43 1.83 -2.28
CA THR A 264 -19.92 0.50 -1.92
C THR A 264 -19.84 -0.45 -3.12
N TYR A 265 -19.91 -1.74 -2.82
CA TYR A 265 -19.96 -2.75 -3.87
C TYR A 265 -21.13 -2.55 -4.84
N ASP A 266 -22.31 -2.27 -4.30
CA ASP A 266 -23.48 -2.01 -5.15
C ASP A 266 -23.26 -0.82 -6.08
N GLN A 267 -22.61 0.22 -5.56
CA GLN A 267 -22.26 1.39 -6.39
C GLN A 267 -21.29 1.00 -7.50
N TRP A 268 -20.26 0.24 -7.14
CA TRP A 268 -19.29 -0.24 -8.12
C TRP A 268 -19.97 -1.09 -9.21
N LYS A 269 -20.89 -1.96 -8.79
CA LYS A 269 -21.64 -2.83 -9.71
C LYS A 269 -22.44 -2.04 -10.73
N GLU A 270 -23.04 -0.95 -10.28
CA GLU A 270 -23.95 -0.14 -11.10
C GLU A 270 -23.32 0.36 -12.39
N THR A 271 -22.02 0.70 -12.32
CA THR A 271 -21.37 1.40 -13.43
C THR A 271 -20.20 0.66 -14.11
N ASN A 272 -19.76 -0.46 -13.54
CA ASN A 272 -18.55 -1.12 -14.06
C ASN A 272 -18.66 -1.70 -15.47
N LYS A 273 -17.80 -1.20 -16.36
CA LYS A 273 -17.61 -1.73 -17.71
C LYS A 273 -16.60 -2.88 -17.67
N GLY A 274 -15.72 -2.82 -16.68
CA GLY A 274 -14.56 -3.70 -16.56
C GLY A 274 -13.33 -2.85 -16.25
N ALA A 275 -13.50 -1.53 -16.33
CA ALA A 275 -12.40 -0.59 -16.15
C ALA A 275 -12.33 0.02 -14.74
N ASP A 276 -13.29 -0.33 -13.88
CA ASP A 276 -13.33 0.23 -12.53
C ASP A 276 -12.75 -0.73 -11.50
N ASN A 277 -11.88 -0.21 -10.64
CA ASN A 277 -11.30 -1.00 -9.56
C ASN A 277 -12.29 -1.11 -8.39
N ILE A 278 -12.25 -2.24 -7.66
CA ILE A 278 -12.98 -2.38 -6.39
C ILE A 278 -11.97 -2.36 -5.26
N ALA A 279 -12.21 -1.54 -4.24
CA ALA A 279 -11.34 -1.48 -3.08
C ALA A 279 -12.09 -1.26 -1.77
N MET A 280 -11.88 -2.18 -0.83
CA MET A 280 -12.32 -2.00 0.55
C MET A 280 -11.46 -2.96 1.36
N ARG A 281 -10.22 -2.56 1.64
CA ARG A 281 -9.25 -3.53 2.11
C ARG A 281 -8.10 -2.93 2.90
N ASP A 282 -7.22 -3.78 3.41
CA ASP A 282 -5.94 -3.36 4.02
C ASP A 282 -6.16 -2.48 5.25
N ALA A 283 -7.06 -2.88 6.14
CA ALA A 283 -7.34 -2.09 7.35
C ALA A 283 -6.16 -2.10 8.33
N HIS A 284 -5.70 -0.90 8.68
CA HIS A 284 -4.63 -0.71 9.64
C HIS A 284 -5.19 -0.13 10.93
N VAL A 285 -5.08 -0.90 12.02
CA VAL A 285 -5.58 -0.44 13.32
C VAL A 285 -4.61 0.55 13.98
N ILE A 286 -5.17 1.61 14.55
CA ILE A 286 -4.40 2.55 15.34
C ILE A 286 -5.31 3.15 16.43
N ASP A 287 -4.76 3.29 17.63
CA ASP A 287 -5.45 3.93 18.74
C ASP A 287 -4.86 5.31 18.98
N ASP A 288 -5.71 6.27 19.33
CA ASP A 288 -5.22 7.60 19.73
C ASP A 288 -4.85 7.60 21.21
N ASP A 289 -4.43 8.75 21.72
CA ASP A 289 -3.97 8.87 23.11
C ASP A 289 -5.07 8.49 24.12
N ASN A 290 -6.33 8.79 23.78
CA ASN A 290 -7.48 8.53 24.64
C ASN A 290 -8.05 7.12 24.52
N GLY A 291 -7.40 6.28 23.71
CA GLY A 291 -7.80 4.89 23.57
C GLY A 291 -8.94 4.63 22.59
N ASN A 292 -9.34 5.66 21.84
CA ASN A 292 -10.27 5.45 20.73
C ASN A 292 -9.54 4.66 19.67
N ARG A 293 -10.23 3.72 19.05
CA ARG A 293 -9.65 2.85 18.03
C ARG A 293 -10.18 3.19 16.63
N TYR A 294 -9.28 3.27 15.66
CA TYR A 294 -9.59 3.58 14.27
C TYR A 294 -9.06 2.51 13.35
N LEU A 295 -9.67 2.40 12.17
CA LEU A 295 -9.10 1.62 11.09
C LEU A 295 -8.84 2.56 9.93
N VAL A 296 -7.64 2.48 9.39
CA VAL A 296 -7.26 3.25 8.20
C VAL A 296 -7.11 2.23 7.09
N PHE A 297 -7.77 2.46 5.95
CA PHE A 297 -7.94 1.40 4.94
C PHE A 297 -7.90 1.95 3.53
N GLU A 298 -7.78 1.05 2.57
CA GLU A 298 -7.86 1.40 1.16
C GLU A 298 -9.29 1.27 0.67
N ALA A 299 -9.76 2.32 -0.02
CA ALA A 299 -11.08 2.29 -0.60
C ALA A 299 -11.12 3.16 -1.87
N SER A 300 -12.33 3.47 -2.32
CA SER A 300 -12.56 4.46 -3.37
C SER A 300 -13.54 5.50 -2.84
N THR A 301 -13.47 6.73 -3.36
CA THR A 301 -14.40 7.77 -2.92
C THR A 301 -15.83 7.42 -3.30
N GLY A 302 -16.78 7.86 -2.49
CA GLY A 302 -18.20 7.71 -2.80
C GLY A 302 -18.71 9.01 -3.41
N THR A 303 -20.00 9.28 -3.22
CA THR A 303 -20.65 10.44 -3.84
C THR A 303 -20.20 11.79 -3.27
N GLU A 304 -19.43 11.77 -2.19
CA GLU A 304 -18.79 12.98 -1.67
C GLU A 304 -17.89 13.63 -2.72
N ASN A 305 -17.24 12.82 -3.53
CA ASN A 305 -16.39 13.26 -4.64
C ASN A 305 -16.17 12.10 -5.61
N TYR A 306 -17.22 11.77 -6.37
CA TYR A 306 -17.24 10.52 -7.12
C TYR A 306 -16.47 10.58 -8.44
N GLN A 307 -15.96 9.43 -8.87
CA GLN A 307 -15.39 9.25 -10.20
C GLN A 307 -16.38 9.68 -11.27
N GLY A 308 -15.90 9.90 -12.49
CA GLY A 308 -16.76 10.17 -13.64
C GLY A 308 -16.13 11.15 -14.59
N ASP A 309 -16.80 11.40 -15.71
CA ASP A 309 -16.29 12.34 -16.71
C ASP A 309 -16.03 13.73 -16.12
N ASP A 310 -16.81 14.11 -15.11
CA ASP A 310 -16.68 15.43 -14.49
C ASP A 310 -15.32 15.69 -13.86
N GLN A 311 -14.62 14.63 -13.44
CA GLN A 311 -13.35 14.80 -12.71
C GLN A 311 -12.26 15.46 -13.52
N ILE A 312 -12.27 15.23 -14.83
CA ILE A 312 -11.32 15.86 -15.75
C ILE A 312 -11.40 17.40 -15.69
N TYR A 313 -12.57 17.92 -15.34
CA TYR A 313 -12.80 19.38 -15.34
C TYR A 313 -12.59 20.04 -13.98
N GLN A 314 -12.19 19.27 -12.97
CA GLN A 314 -11.96 19.84 -11.64
C GLN A 314 -10.50 20.29 -11.55
N TRP A 315 -10.28 21.59 -11.62
CA TRP A 315 -8.94 22.17 -11.65
C TRP A 315 -8.10 21.76 -10.45
N LEU A 316 -8.73 21.59 -9.30
CA LEU A 316 -7.98 21.21 -8.10
C LEU A 316 -7.33 19.84 -8.16
N ASN A 317 -7.79 18.97 -9.07
CA ASN A 317 -7.14 17.67 -9.28
C ASN A 317 -5.75 17.76 -9.90
N TYR A 318 -5.46 18.90 -10.51
CA TYR A 318 -4.25 19.03 -11.32
C TYR A 318 -3.01 19.31 -10.46
N GLY A 319 -3.10 20.33 -9.60
CA GLY A 319 -2.09 20.54 -8.56
C GLY A 319 -0.73 21.06 -8.98
N GLY A 320 -0.63 21.59 -10.18
CA GLY A 320 0.60 22.27 -10.63
C GLY A 320 0.37 23.77 -10.78
N THR A 321 1.28 24.44 -11.47
CA THR A 321 1.06 25.83 -11.85
C THR A 321 -0.13 25.87 -12.79
N ASN A 322 -0.79 27.03 -12.90
CA ASN A 322 -1.90 27.15 -13.83
C ASN A 322 -1.51 26.77 -15.25
N LYS A 323 -0.31 27.18 -15.65
CA LYS A 323 0.22 26.90 -16.98
C LYS A 323 0.45 25.41 -17.20
N ASP A 324 1.03 24.72 -16.21
CA ASP A 324 1.21 23.27 -16.31
C ASP A 324 -0.12 22.52 -16.26
N ASN A 325 -1.04 23.00 -15.43
CA ASN A 325 -2.37 22.40 -15.36
C ASN A 325 -3.06 22.45 -16.71
N LEU A 326 -2.92 23.59 -17.40
CA LEU A 326 -3.52 23.75 -18.73
C LEU A 326 -2.98 22.74 -19.72
N GLY A 327 -1.66 22.54 -19.73
CA GLY A 327 -1.04 21.52 -20.57
C GLY A 327 -1.56 20.12 -20.23
N ASP A 328 -1.67 19.83 -18.94
CA ASP A 328 -2.19 18.53 -18.49
C ASP A 328 -3.62 18.29 -18.99
N PHE A 329 -4.45 19.32 -18.86
CA PHE A 329 -5.84 19.27 -19.29
C PHE A 329 -5.93 18.84 -20.74
N PHE A 330 -5.19 19.51 -21.62
CA PHE A 330 -5.19 19.13 -23.04
C PHE A 330 -4.56 17.76 -23.31
N GLN A 331 -3.58 17.37 -22.50
CA GLN A 331 -3.00 16.02 -22.60
C GLN A 331 -4.06 14.94 -22.32
N ILE A 332 -4.80 15.11 -21.24
CA ILE A 332 -5.83 14.13 -20.87
C ILE A 332 -6.88 14.02 -21.96
N LEU A 333 -7.33 15.16 -22.46
CA LEU A 333 -8.36 15.19 -23.49
C LEU A 333 -7.92 14.54 -24.80
N SER A 334 -6.64 14.65 -25.11
CA SER A 334 -6.11 14.19 -26.39
C SER A 334 -5.74 12.70 -26.43
N ASN A 335 -5.69 12.06 -25.27
CA ASN A 335 -5.30 10.66 -25.16
C ASN A 335 -6.46 9.84 -24.62
N SER A 336 -7.02 8.97 -25.47
CA SER A 336 -8.24 8.25 -25.13
C SER A 336 -8.09 7.34 -23.91
N ASP A 337 -6.94 6.67 -23.79
CA ASP A 337 -6.74 5.81 -22.62
C ASP A 337 -6.58 6.62 -21.34
N ILE A 338 -5.82 7.70 -21.39
CA ILE A 338 -5.65 8.57 -20.22
C ILE A 338 -7.00 9.14 -19.78
N LYS A 339 -7.75 9.66 -20.76
CA LYS A 339 -9.09 10.18 -20.49
C LYS A 339 -9.97 9.14 -19.80
N ASP A 340 -9.94 7.90 -20.32
CA ASP A 340 -10.72 6.82 -19.72
CA ASP A 340 -10.69 6.78 -19.73
C ASP A 340 -10.26 6.53 -18.30
N ARG A 341 -8.95 6.43 -18.09
CA ARG A 341 -8.43 6.19 -16.76
C ARG A 341 -8.78 7.31 -15.79
N ALA A 342 -8.72 8.56 -16.27
CA ALA A 342 -9.04 9.72 -15.44
C ALA A 342 -10.48 9.64 -14.95
N LYS A 343 -11.39 9.20 -15.83
CA LYS A 343 -12.81 9.07 -15.48
C LYS A 343 -13.10 8.05 -14.38
N TRP A 344 -12.24 7.05 -14.27
CA TRP A 344 -12.47 5.94 -13.34
C TRP A 344 -11.62 6.00 -12.08
N SER A 345 -10.60 6.87 -12.07
CA SER A 345 -9.65 6.91 -10.95
C SER A 345 -10.25 7.64 -9.78
N ASN A 346 -10.35 6.95 -8.64
CA ASN A 346 -10.79 7.61 -7.40
C ASN A 346 -10.36 6.86 -6.14
N ALA A 347 -9.09 6.46 -6.11
CA ALA A 347 -8.52 5.79 -4.94
C ALA A 347 -8.59 6.70 -3.73
N ALA A 348 -8.79 6.09 -2.57
CA ALA A 348 -8.85 6.86 -1.32
C ALA A 348 -8.20 6.03 -0.23
N ILE A 349 -7.57 6.73 0.72
CA ILE A 349 -7.22 6.11 2.01
C ILE A 349 -8.22 6.68 3.00
N GLY A 350 -9.06 5.79 3.51
CA GLY A 350 -10.13 6.18 4.41
C GLY A 350 -9.80 5.93 5.87
N ILE A 351 -10.65 6.46 6.74
CA ILE A 351 -10.56 6.21 8.17
C ILE A 351 -11.95 6.10 8.76
N ILE A 352 -12.11 5.15 9.67
CA ILE A 352 -13.33 5.01 10.46
C ILE A 352 -12.93 4.90 11.93
N LYS A 353 -13.78 5.37 12.83
CA LYS A 353 -13.59 5.13 14.25
C LYS A 353 -14.46 3.94 14.65
N LEU A 354 -13.91 3.05 15.47
CA LEU A 354 -14.68 1.93 15.97
C LEU A 354 -15.33 2.24 17.31
N ASN A 355 -16.37 1.51 17.66
CA ASN A 355 -16.90 1.60 19.03
C ASN A 355 -15.94 0.92 20.00
N ASP A 356 -16.31 0.84 21.27
CA ASP A 356 -15.40 0.34 22.29
C ASP A 356 -15.57 -1.16 22.58
N ASP A 357 -16.28 -1.86 21.69
CA ASP A 357 -16.47 -3.30 21.81
C ASP A 357 -15.26 -3.93 21.13
N VAL A 358 -14.18 -4.10 21.90
CA VAL A 358 -12.88 -4.46 21.32
C VAL A 358 -12.92 -5.77 20.53
N LYS A 359 -13.53 -6.80 21.11
CA LYS A 359 -13.55 -8.11 20.47
C LYS A 359 -14.63 -8.27 19.41
N ASN A 360 -15.62 -7.38 19.41
CA ASN A 360 -16.72 -7.42 18.46
C ASN A 360 -17.05 -6.02 17.92
N PRO A 361 -16.10 -5.38 17.22
CA PRO A 361 -16.28 -3.96 16.93
C PRO A 361 -17.36 -3.64 15.90
N SER A 362 -17.99 -2.49 16.09
CA SER A 362 -18.85 -1.87 15.10
C SER A 362 -18.29 -0.48 14.78
N VAL A 363 -18.74 0.10 13.67
CA VAL A 363 -18.30 1.42 13.27
C VAL A 363 -19.02 2.49 14.09
N ALA A 364 -18.26 3.42 14.64
CA ALA A 364 -18.82 4.54 15.42
C ALA A 364 -18.92 5.81 14.58
N LYS A 365 -17.96 6.03 13.69
CA LYS A 365 -17.92 7.23 12.86
C LYS A 365 -17.19 6.97 11.55
N VAL A 366 -17.73 7.51 10.47
CA VAL A 366 -17.10 7.44 9.15
C VAL A 366 -16.62 8.83 8.77
N TYR A 367 -15.34 8.95 8.45
CA TYR A 367 -14.76 10.25 8.11
C TYR A 367 -14.54 10.37 6.61
N SER A 368 -14.41 11.61 6.14
CA SER A 368 -13.88 11.86 4.79
C SER A 368 -12.50 11.22 4.62
N PRO A 369 -12.11 10.91 3.38
CA PRO A 369 -10.78 10.31 3.16
C PRO A 369 -9.63 11.18 3.70
N LEU A 370 -8.60 10.51 4.20
CA LEU A 370 -7.35 11.17 4.59
C LEU A 370 -6.62 11.63 3.34
N ILE A 371 -6.56 10.74 2.34
CA ILE A 371 -5.96 11.01 1.05
C ILE A 371 -6.90 10.48 -0.03
N SER A 372 -6.95 11.17 -1.17
CA SER A 372 -7.66 10.62 -2.32
C SER A 372 -6.92 10.98 -3.60
N ALA A 373 -7.21 10.26 -4.68
CA ALA A 373 -6.55 10.53 -5.97
C ALA A 373 -7.55 10.59 -7.12
N PRO A 374 -8.62 11.40 -6.98
CA PRO A 374 -9.58 11.47 -8.08
C PRO A 374 -8.84 11.95 -9.33
N MET A 375 -9.15 11.32 -10.46
CA MET A 375 -8.56 11.67 -11.77
C MET A 375 -7.15 11.11 -11.96
N VAL A 376 -6.55 10.61 -10.88
CA VAL A 376 -5.10 10.39 -10.86
C VAL A 376 -4.66 8.92 -10.71
N SER A 377 -5.28 8.20 -9.79
CA SER A 377 -4.96 6.78 -9.63
C SER A 377 -6.17 6.03 -9.07
N ASP A 378 -6.32 4.77 -9.46
CA ASP A 378 -7.43 3.98 -8.91
CA ASP A 378 -7.40 3.90 -9.00
C ASP A 378 -6.91 2.89 -7.97
N GLU A 379 -5.66 3.03 -7.53
CA GLU A 379 -5.10 2.07 -6.55
C GLU A 379 -3.96 2.60 -5.67
N ILE A 380 -4.24 2.75 -4.38
CA ILE A 380 -3.26 3.13 -3.37
C ILE A 380 -3.48 2.14 -2.22
N GLU A 381 -2.44 1.38 -1.85
CA GLU A 381 -2.60 0.16 -1.05
C GLU A 381 -1.85 0.18 0.26
N ARG A 382 -2.20 -0.77 1.13
CA ARG A 382 -1.45 -1.00 2.38
C ARG A 382 -1.17 0.27 3.19
N PRO A 383 -2.21 1.06 3.49
CA PRO A 383 -1.93 2.25 4.29
C PRO A 383 -1.42 1.88 5.68
N ASP A 384 -0.55 2.72 6.23
CA ASP A 384 0.12 2.42 7.48
C ASP A 384 0.29 3.76 8.16
N VAL A 385 -0.32 3.91 9.35
CA VAL A 385 -0.16 5.11 10.16
C VAL A 385 0.68 4.79 11.38
N VAL A 386 1.71 5.60 11.58
CA VAL A 386 2.61 5.48 12.74
CA VAL A 386 2.57 5.47 12.75
C VAL A 386 2.66 6.84 13.43
N LYS A 387 2.50 6.83 14.75
CA LYS A 387 2.66 8.05 15.53
C LYS A 387 4.13 8.16 15.92
N LEU A 388 4.75 9.27 15.56
CA LEU A 388 6.13 9.54 15.94
C LEU A 388 6.12 10.88 16.64
N GLY A 389 6.50 10.85 17.92
CA GLY A 389 6.36 12.01 18.77
C GLY A 389 4.90 12.40 18.82
N ASN A 390 4.61 13.64 18.42
CA ASN A 390 3.24 14.14 18.42
C ASN A 390 2.63 14.26 17.02
N LYS A 391 3.23 13.54 16.07
CA LYS A 391 2.77 13.62 14.68
C LYS A 391 2.38 12.23 14.16
N TYR A 392 1.41 12.21 13.26
CA TYR A 392 0.96 10.97 12.63
C TYR A 392 1.49 10.92 11.22
N TYR A 393 2.21 9.84 10.91
CA TYR A 393 2.74 9.62 9.56
C TYR A 393 1.92 8.54 8.87
N LEU A 394 1.45 8.86 7.68
CA LEU A 394 0.67 7.93 6.89
C LEU A 394 1.44 7.59 5.63
N PHE A 395 1.69 6.30 5.43
CA PHE A 395 2.38 5.80 4.24
C PHE A 395 1.48 4.85 3.50
N ALA A 396 1.70 4.72 2.21
CA ALA A 396 0.96 3.72 1.41
C ALA A 396 1.82 3.26 0.24
N ALA A 397 1.52 2.07 -0.27
CA ALA A 397 2.22 1.54 -1.44
C ALA A 397 1.37 1.78 -2.66
N THR A 398 2.02 1.97 -3.81
CA THR A 398 1.29 2.11 -5.05
C THR A 398 2.08 1.60 -6.22
N ARG A 399 1.38 1.10 -7.23
CA ARG A 399 2.03 0.78 -8.49
C ARG A 399 1.60 1.89 -9.45
N LEU A 400 2.55 2.67 -9.93
CA LEU A 400 2.24 3.84 -10.76
C LEU A 400 1.54 3.45 -12.06
N ASN A 401 1.69 2.21 -12.50
CA ASN A 401 0.96 1.77 -13.68
C ASN A 401 -0.56 1.68 -13.50
N ARG A 402 -1.04 1.93 -12.27
CA ARG A 402 -2.48 2.06 -12.00
CA ARG A 402 -2.48 2.06 -12.02
C ARG A 402 -2.91 3.53 -12.09
N GLY A 403 -1.95 4.41 -12.41
CA GLY A 403 -2.26 5.83 -12.55
C GLY A 403 -2.85 6.14 -13.91
N SER A 404 -3.49 7.30 -14.02
CA SER A 404 -4.14 7.69 -15.28
C SER A 404 -3.13 8.16 -16.32
N ASN A 405 -2.04 8.79 -15.87
CA ASN A 405 -1.07 9.38 -16.80
C ASN A 405 -0.12 8.34 -17.38
N ASP A 406 -0.55 7.70 -18.47
CA ASP A 406 0.20 6.64 -19.12
C ASP A 406 1.61 7.09 -19.50
N ASP A 407 1.73 8.32 -19.97
CA ASP A 407 3.02 8.83 -20.40
C ASP A 407 4.01 8.85 -19.23
N ALA A 408 3.53 9.25 -18.06
CA ALA A 408 4.39 9.30 -16.87
C ALA A 408 4.81 7.91 -16.39
N TRP A 409 3.86 6.98 -16.27
CA TRP A 409 4.25 5.68 -15.72
C TRP A 409 4.96 4.80 -16.71
N MET A 410 4.64 4.93 -18.00
CA MET A 410 5.39 4.20 -19.02
C MET A 410 6.87 4.56 -19.01
N ALA A 411 7.16 5.83 -18.71
CA ALA A 411 8.53 6.31 -18.62
C ALA A 411 9.30 5.66 -17.46
N THR A 412 8.61 5.37 -16.35
CA THR A 412 9.26 4.69 -15.21
C THR A 412 9.65 3.26 -15.57
N ASN A 413 8.78 2.56 -16.30
CA ASN A 413 9.10 1.21 -16.76
C ASN A 413 10.31 1.20 -17.68
N LYS A 414 10.37 2.19 -18.56
CA LYS A 414 11.49 2.30 -19.50
C LYS A 414 12.81 2.53 -18.79
N ALA A 415 12.79 3.36 -17.76
CA ALA A 415 14.02 3.74 -17.06
C ALA A 415 14.52 2.67 -16.08
N VAL A 416 13.59 2.10 -15.31
CA VAL A 416 13.94 1.23 -14.17
C VAL A 416 13.44 -0.21 -14.34
N GLY A 417 12.40 -0.39 -15.13
CA GLY A 417 11.82 -1.71 -15.32
C GLY A 417 10.76 -2.03 -14.26
N ASP A 418 10.40 -1.04 -13.45
CA ASP A 418 9.28 -1.17 -12.51
C ASP A 418 8.74 0.20 -12.18
N ASN A 419 7.59 0.24 -11.52
CA ASN A 419 6.87 1.48 -11.33
C ASN A 419 6.31 1.62 -9.92
N VAL A 420 6.85 0.83 -8.99
CA VAL A 420 6.38 0.82 -7.60
C VAL A 420 6.93 2.01 -6.80
N ALA A 421 6.16 2.42 -5.80
CA ALA A 421 6.56 3.52 -4.92
C ALA A 421 5.89 3.36 -3.56
N MET A 422 6.49 3.98 -2.55
CA MET A 422 5.79 4.23 -1.31
C MET A 422 5.59 5.73 -1.22
N ILE A 423 4.37 6.15 -0.90
CA ILE A 423 4.07 7.56 -0.69
C ILE A 423 3.84 7.83 0.81
N GLY A 424 3.88 9.08 1.22
CA GLY A 424 3.83 9.40 2.65
C GLY A 424 3.37 10.81 2.93
N TYR A 425 2.73 10.98 4.09
CA TYR A 425 2.10 12.23 4.50
C TYR A 425 2.24 12.34 6.02
N VAL A 426 2.09 13.56 6.53
CA VAL A 426 2.21 13.79 7.95
C VAL A 426 1.13 14.76 8.42
N SER A 427 0.59 14.48 9.60
CA SER A 427 -0.41 15.36 10.19
C SER A 427 -0.20 15.58 11.68
N ASP A 428 -0.67 16.71 12.17
CA ASP A 428 -0.74 16.96 13.60
C ASP A 428 -1.95 16.24 14.20
N ASN A 429 -2.85 15.76 13.34
CA ASN A 429 -4.09 15.12 13.79
C ASN A 429 -4.30 13.80 13.06
N LEU A 430 -4.86 12.83 13.76
CA LEU A 430 -5.03 11.49 13.16
C LEU A 430 -6.05 11.48 12.02
N THR A 431 -7.16 12.19 12.20
CA THR A 431 -8.31 12.00 11.31
C THR A 431 -8.41 12.98 10.14
N HIS A 432 -7.45 13.91 10.04
CA HIS A 432 -7.49 14.92 8.96
C HIS A 432 -6.18 15.70 8.94
N GLY A 433 -5.99 16.49 7.89
CA GLY A 433 -4.92 17.48 7.84
C GLY A 433 -3.58 17.00 7.32
N TYR A 434 -3.57 15.89 6.59
CA TYR A 434 -2.29 15.33 6.13
C TYR A 434 -1.59 16.19 5.07
N VAL A 435 -0.27 16.33 5.23
CA VAL A 435 0.57 17.12 4.35
C VAL A 435 1.56 16.18 3.66
N PRO A 436 1.72 16.27 2.32
CA PRO A 436 2.65 15.32 1.65
C PRO A 436 4.11 15.50 2.07
N LEU A 437 4.80 14.37 2.27
CA LEU A 437 6.24 14.39 2.53
C LEU A 437 7.01 14.59 1.24
N ASN A 438 8.20 15.19 1.35
CA ASN A 438 9.09 15.41 0.19
C ASN A 438 8.35 16.09 -0.96
N GLU A 439 7.53 17.07 -0.60
CA GLU A 439 6.73 17.90 -1.52
C GLU A 439 5.61 17.15 -2.23
N SER A 440 5.96 16.13 -3.00
CA SER A 440 4.99 15.42 -3.85
C SER A 440 4.26 14.26 -3.15
N GLY A 441 4.79 13.84 -2.01
CA GLY A 441 4.32 12.62 -1.35
C GLY A 441 5.28 11.45 -1.58
N VAL A 442 6.24 11.59 -2.48
CA VAL A 442 7.18 10.49 -2.75
C VAL A 442 7.95 10.15 -1.47
N VAL A 443 8.14 8.86 -1.17
CA VAL A 443 9.02 8.47 -0.06
C VAL A 443 10.02 7.41 -0.53
N LEU A 444 9.53 6.35 -1.18
CA LEU A 444 10.40 5.32 -1.76
C LEU A 444 10.09 5.13 -3.22
N THR A 445 11.11 4.81 -4.02
CA THR A 445 10.90 4.54 -5.43
C THR A 445 11.61 3.28 -5.90
N ALA A 446 10.99 2.58 -6.87
CA ALA A 446 11.54 1.34 -7.46
C ALA A 446 12.97 1.56 -7.95
N SER A 447 13.82 0.54 -7.77
CA SER A 447 15.21 0.67 -8.20
C SER A 447 15.70 -0.48 -9.09
N VAL A 448 14.91 -1.56 -9.19
CA VAL A 448 15.26 -2.69 -10.06
C VAL A 448 14.02 -3.17 -10.83
N PRO A 449 14.22 -3.91 -11.93
CA PRO A 449 13.08 -4.37 -12.73
C PRO A 449 12.15 -5.30 -11.96
N ALA A 450 10.87 -5.28 -12.34
CA ALA A 450 9.83 -6.01 -11.61
C ALA A 450 10.04 -7.52 -11.63
N ASN A 451 10.74 -8.04 -12.65
CA ASN A 451 10.93 -9.48 -12.77
C ASN A 451 12.27 -9.98 -12.23
N TRP A 452 12.98 -9.14 -11.48
CA TRP A 452 14.20 -9.59 -10.82
C TRP A 452 13.88 -10.18 -9.45
N ARG A 453 14.73 -11.11 -9.01
CA ARG A 453 14.66 -11.64 -7.65
C ARG A 453 14.52 -10.54 -6.60
N THR A 454 15.22 -9.42 -6.78
CA THR A 454 15.25 -8.38 -5.74
C THR A 454 14.22 -7.25 -5.90
N ALA A 455 13.26 -7.42 -6.83
CA ALA A 455 12.11 -6.50 -6.88
C ALA A 455 11.33 -6.61 -5.57
N THR A 456 10.73 -5.50 -5.14
CA THR A 456 9.98 -5.49 -3.87
C THR A 456 8.64 -4.83 -4.06
N TYR A 457 7.75 -5.07 -3.09
CA TYR A 457 6.48 -4.35 -3.02
C TYR A 457 5.92 -4.48 -1.60
N SER A 458 4.78 -3.81 -1.36
CA SER A 458 4.06 -3.92 -0.09
CA SER A 458 4.05 -3.86 -0.09
C SER A 458 4.86 -3.39 1.10
N TYR A 459 5.56 -2.27 0.88
CA TYR A 459 6.34 -1.58 1.93
C TYR A 459 5.45 -1.35 3.14
N TYR A 460 6.01 -1.62 4.31
CA TYR A 460 5.25 -1.44 5.55
C TYR A 460 6.20 -0.99 6.64
N ALA A 461 6.02 0.27 7.07
CA ALA A 461 6.88 0.89 8.08
C ALA A 461 6.51 0.40 9.49
N VAL A 462 7.52 0.04 10.25
CA VAL A 462 7.35 -0.42 11.63
C VAL A 462 8.22 0.50 12.50
N PRO A 463 7.64 1.06 13.60
CA PRO A 463 8.45 1.91 14.48
C PRO A 463 9.55 1.12 15.18
N VAL A 464 10.53 1.86 15.70
CA VAL A 464 11.71 1.27 16.29
C VAL A 464 11.81 1.78 17.73
N GLU A 465 11.80 0.85 18.69
CA GLU A 465 11.94 1.26 20.08
C GLU A 465 13.31 1.91 20.27
N GLY A 466 13.31 3.05 20.96
CA GLY A 466 14.54 3.77 21.25
C GLY A 466 15.05 4.64 20.11
N ARG A 467 14.29 4.73 19.01
CA ARG A 467 14.63 5.63 17.89
C ARG A 467 13.36 6.29 17.39
N ASP A 468 13.00 7.45 17.94
CA ASP A 468 11.70 8.07 17.63
C ASP A 468 11.67 8.86 16.32
N ASP A 469 12.75 8.78 15.54
CA ASP A 469 12.88 9.54 14.31
C ASP A 469 13.16 8.64 13.10
N GLN A 470 13.05 7.33 13.30
CA GLN A 470 13.31 6.38 12.23
C GLN A 470 12.24 5.31 12.18
N LEU A 471 12.07 4.73 11.00
CA LEU A 471 11.15 3.62 10.84
C LEU A 471 11.88 2.47 10.15
N LEU A 472 11.48 1.25 10.48
CA LEU A 472 12.01 0.09 9.77
C LEU A 472 11.06 -0.28 8.64
N ILE A 473 11.56 -0.26 7.40
CA ILE A 473 10.72 -0.56 6.25
C ILE A 473 10.79 -2.04 5.94
N THR A 474 9.66 -2.72 6.08
CA THR A 474 9.57 -4.12 5.74
C THR A 474 8.89 -4.23 4.39
N SER A 475 9.09 -5.35 3.71
CA SER A 475 8.42 -5.55 2.42
C SER A 475 8.54 -7.01 2.05
N TYR A 476 7.89 -7.40 0.96
CA TYR A 476 8.26 -8.66 0.36
C TYR A 476 9.12 -8.44 -0.86
N ILE A 477 9.96 -9.43 -1.11
CA ILE A 477 10.93 -9.40 -2.18
C ILE A 477 10.62 -10.58 -3.10
N THR A 478 10.80 -10.34 -4.40
CA THR A 478 10.40 -11.23 -5.49
C THR A 478 8.90 -11.14 -5.72
N ASN A 479 8.52 -10.78 -6.94
CA ASN A 479 7.09 -10.73 -7.25
C ASN A 479 6.46 -12.12 -7.37
N ARG A 480 5.15 -12.17 -7.13
CA ARG A 480 4.43 -13.44 -7.12
C ARG A 480 4.38 -14.10 -8.49
N GLY A 481 4.04 -15.39 -8.49
CA GLY A 481 3.70 -16.06 -9.74
C GLY A 481 4.90 -16.47 -10.58
N GLU A 482 6.06 -16.62 -9.94
CA GLU A 482 7.27 -17.12 -10.61
C GLU A 482 7.73 -16.25 -11.80
N VAL A 483 7.37 -14.97 -11.75
CA VAL A 483 7.80 -14.03 -12.79
C VAL A 483 9.33 -13.86 -12.80
N ALA A 484 9.97 -14.08 -11.65
CA ALA A 484 11.44 -14.06 -11.58
C ALA A 484 12.05 -15.44 -11.86
N GLY A 485 11.20 -16.42 -12.15
CA GLY A 485 11.66 -17.77 -12.46
C GLY A 485 11.02 -18.81 -11.56
N LYS A 486 10.85 -20.02 -12.09
CA LYS A 486 10.33 -21.14 -11.29
C LYS A 486 11.21 -21.30 -10.04
N GLY A 487 10.57 -21.49 -8.90
CA GLY A 487 11.27 -21.67 -7.63
C GLY A 487 11.70 -20.38 -6.94
N MET A 488 11.55 -19.24 -7.63
CA MET A 488 11.86 -17.93 -7.05
C MET A 488 10.55 -17.39 -6.50
N HIS A 489 10.36 -17.53 -5.20
CA HIS A 489 9.09 -17.21 -4.58
C HIS A 489 9.13 -15.87 -3.86
N ALA A 490 8.00 -15.18 -3.86
CA ALA A 490 7.81 -14.05 -2.97
C ALA A 490 8.17 -14.50 -1.56
N THR A 491 8.94 -13.65 -0.89
CA THR A 491 9.50 -14.00 0.41
C THR A 491 9.71 -12.71 1.17
N TRP A 492 10.00 -12.79 2.46
CA TRP A 492 10.23 -11.56 3.22
C TRP A 492 11.55 -10.89 2.85
N ALA A 493 11.49 -9.60 2.59
CA ALA A 493 12.68 -8.85 2.22
C ALA A 493 13.59 -8.59 3.42
N PRO A 494 14.89 -8.34 3.16
CA PRO A 494 15.69 -7.65 4.17
C PRO A 494 15.01 -6.31 4.46
N SER A 495 15.00 -5.91 5.73
CA SER A 495 14.37 -4.64 6.09
C SER A 495 15.42 -3.55 6.10
N PHE A 496 15.01 -2.30 5.97
CA PHE A 496 15.98 -1.19 6.01
C PHE A 496 15.40 0.01 6.73
N LEU A 497 16.29 0.82 7.32
CA LEU A 497 15.85 2.02 8.05
C LEU A 497 15.56 3.21 7.14
N LEU A 498 14.54 3.95 7.54
CA LEU A 498 14.15 5.20 6.88
C LEU A 498 14.22 6.30 7.92
N GLN A 499 14.97 7.36 7.60
CA GLN A 499 15.06 8.51 8.49
C GLN A 499 13.87 9.45 8.28
N ILE A 500 13.22 9.84 9.37
CA ILE A 500 12.13 10.81 9.28
C ILE A 500 12.67 12.16 9.75
N ASN A 501 12.52 13.19 8.93
CA ASN A 501 13.05 14.52 9.27
C ASN A 501 11.91 15.45 9.68
N PRO A 502 12.11 16.23 10.75
CA PRO A 502 11.04 17.16 11.17
C PRO A 502 10.62 18.18 10.10
N ASP A 503 11.45 18.43 9.09
CA ASP A 503 11.08 19.36 8.02
C ASP A 503 10.24 18.72 6.92
N ASN A 504 9.57 17.61 7.26
CA ASN A 504 8.65 16.92 6.35
C ASN A 504 9.33 16.28 5.15
N THR A 505 10.54 15.79 5.39
CA THR A 505 11.28 15.02 4.38
C THR A 505 11.68 13.69 5.00
N THR A 506 12.12 12.78 4.15
CA THR A 506 12.59 11.47 4.58
C THR A 506 13.88 11.14 3.82
N THR A 507 14.66 10.22 4.37
CA THR A 507 15.90 9.78 3.75
C THR A 507 16.11 8.30 3.99
N VAL A 508 16.24 7.53 2.91
CA VAL A 508 16.64 6.13 3.01
C VAL A 508 18.00 6.03 3.68
N LEU A 509 18.14 5.14 4.66
CA LEU A 509 19.44 4.93 5.29
C LEU A 509 20.10 3.65 4.81
N ALA A 510 21.44 3.62 4.84
CA ALA A 510 22.22 2.44 4.44
C ALA A 510 22.36 1.45 5.60
N LYS A 511 21.22 1.04 6.16
CA LYS A 511 21.15 0.17 7.33
C LYS A 511 20.13 -0.91 7.00
N MET A 512 20.60 -2.15 6.92
CA MET A 512 19.77 -3.26 6.44
C MET A 512 19.86 -4.45 7.39
N THR A 513 18.81 -5.26 7.40
CA THR A 513 18.75 -6.42 8.30
C THR A 513 18.73 -7.73 7.51
N ASN A 514 18.70 -8.85 8.23
CA ASN A 514 18.38 -10.14 7.65
C ASN A 514 16.99 -10.10 7.02
N GLN A 515 16.71 -11.06 6.13
CA GLN A 515 15.35 -11.21 5.63
C GLN A 515 14.40 -11.40 6.80
N GLY A 516 13.23 -10.73 6.74
CA GLY A 516 12.17 -10.98 7.70
C GLY A 516 12.40 -10.46 9.12
N ASP A 517 13.25 -9.44 9.25
CA ASP A 517 13.48 -8.85 10.57
C ASP A 517 12.50 -7.69 10.70
N TRP A 518 11.58 -7.82 11.66
CA TRP A 518 10.53 -6.82 11.95
C TRP A 518 10.92 -5.88 13.08
N ILE A 519 11.98 -6.23 13.81
CA ILE A 519 12.38 -5.52 15.01
C ILE A 519 13.81 -5.04 14.83
N TRP A 520 14.00 -3.73 14.74
CA TRP A 520 15.36 -3.20 14.73
C TRP A 520 15.88 -3.12 16.16
N ASP A 521 17.00 -3.79 16.40
CA ASP A 521 17.75 -3.63 17.64
C ASP A 521 19.25 -3.65 17.36
N ASP A 522 20.06 -3.68 18.42
CA ASP A 522 21.51 -3.60 18.26
C ASP A 522 22.18 -4.83 17.60
N SER A 523 21.43 -5.89 17.30
CA SER A 523 22.01 -7.03 16.59
C SER A 523 21.45 -7.17 15.17
N SER A 524 20.56 -6.26 14.81
CA SER A 524 19.82 -6.34 13.54
C SER A 524 20.63 -6.12 12.28
N GLU A 525 21.60 -5.20 12.31
CA GLU A 525 22.26 -4.82 11.06
C GLU A 525 23.07 -5.96 10.45
N ASN A 526 22.86 -6.17 9.15
CA ASN A 526 23.64 -7.14 8.40
C ASN A 526 24.06 -6.53 7.07
N PRO A 527 25.24 -5.91 7.02
CA PRO A 527 25.68 -5.24 5.80
C PRO A 527 25.87 -6.19 4.63
N ASP A 528 26.03 -7.48 4.90
CA ASP A 528 26.17 -8.47 3.82
C ASP A 528 24.93 -8.57 2.94
N MET A 529 23.78 -8.09 3.45
CA MET A 529 22.53 -8.14 2.67
C MET A 529 22.44 -7.02 1.62
N MET A 530 23.32 -6.04 1.72
CA MET A 530 23.31 -4.90 0.80
C MET A 530 23.86 -5.31 -0.55
N GLY A 531 23.19 -4.84 -1.60
CA GLY A 531 23.61 -5.11 -2.97
C GLY A 531 24.15 -3.90 -3.70
N VAL A 532 24.64 -4.14 -4.92
CA VAL A 532 25.12 -3.07 -5.80
C VAL A 532 24.58 -3.34 -7.21
N LEU A 533 24.32 -2.28 -7.97
CA LEU A 533 23.85 -2.47 -9.35
C LEU A 533 25.04 -2.63 -10.29
N GLU A 534 25.68 -3.81 -10.22
CA GLU A 534 26.87 -4.17 -11.01
C GLU A 534 26.71 -5.63 -11.41
N LYS A 535 26.95 -5.95 -12.68
CA LYS A 535 26.63 -7.28 -13.22
C LYS A 535 27.34 -8.43 -12.48
N ASP A 536 28.65 -8.29 -12.29
CA ASP A 536 29.47 -9.40 -11.82
C ASP A 536 29.98 -9.27 -10.39
N ALA A 537 29.46 -8.31 -9.63
CA ALA A 537 29.77 -8.25 -8.20
C ALA A 537 29.15 -9.46 -7.50
N PRO A 538 29.85 -10.04 -6.52
CA PRO A 538 29.24 -11.14 -5.76
C PRO A 538 27.95 -10.70 -5.06
N ASN A 539 27.87 -9.42 -4.69
CA ASN A 539 26.65 -8.85 -4.08
C ASN A 539 25.79 -8.09 -5.07
N SER A 540 25.84 -8.50 -6.34
CA SER A 540 25.00 -7.88 -7.36
C SER A 540 23.55 -7.89 -6.94
N ALA A 541 22.82 -6.83 -7.30
CA ALA A 541 21.37 -6.78 -7.15
C ALA A 541 20.68 -7.74 -8.12
N ALA A 542 21.41 -8.18 -9.15
CA ALA A 542 20.88 -9.14 -10.13
C ALA A 542 21.41 -10.54 -9.88
N LEU A 543 20.53 -11.52 -10.00
CA LEU A 543 20.98 -12.92 -10.09
C LEU A 543 21.58 -13.18 -11.47
N PRO A 544 22.42 -14.23 -11.59
CA PRO A 544 22.92 -14.62 -12.91
C PRO A 544 21.76 -14.85 -13.87
N GLY A 545 21.86 -14.25 -15.05
CA GLY A 545 20.82 -14.36 -16.07
C GLY A 545 19.81 -13.23 -16.09
N GLU A 546 19.86 -12.35 -15.08
CA GLU A 546 18.91 -11.23 -15.01
C GLU A 546 19.44 -9.93 -15.64
N TRP A 547 20.74 -9.69 -15.52
CA TRP A 547 21.35 -8.47 -16.06
C TRP A 547 21.19 -8.41 -17.57
N GLY A 548 20.36 -7.49 -18.04
CA GLY A 548 20.09 -7.35 -19.47
C GLY A 548 18.96 -8.24 -19.98
N LYS A 549 18.31 -9.00 -19.09
CA LYS A 549 17.15 -9.81 -19.50
C LYS A 549 15.93 -8.88 -19.72
N PRO A 550 15.07 -9.20 -20.70
CA PRO A 550 13.88 -8.40 -21.00
C PRO A 550 12.93 -8.28 -19.81
N VAL A 551 12.28 -7.12 -19.69
CA VAL A 551 11.33 -6.87 -18.60
C VAL A 551 9.89 -7.24 -18.95
#